data_1AZW
#
_entry.id   1AZW
#
_cell.length_a   147.200
_cell.length_b   167.800
_cell.length_c   85.600
_cell.angle_alpha   90.00
_cell.angle_beta   90.00
_cell.angle_gamma   90.00
#
_symmetry.space_group_name_H-M   'C 2 2 2'
#
loop_
_entity.id
_entity.type
_entity.pdbx_description
1 polymer 'PROLINE IMINOPEPTIDASE'
2 water water
#
_entity_poly.entity_id   1
_entity_poly.type   'polypeptide(L)'
_entity_poly.pdbx_seq_one_letter_code
;MRTLYPEITPYQQGSLKVDDRHTLYFEQCGNPHGKPVVMLHGGPGGGCNDKMRRFHDPAKYRIVLFDQRGSGRSTPHADL
VDNTTWDLVADIERLRTHLGVDRWQVFGGSWGSTLALAYAQTHPQQVTELVLRGIFLLRRFELEWFYQEGASRLFPDAWE
HYLNAIPPVERADLMSAFHRRLTSDDEATRLAAAKAWSVWEGATSFLHVDEDFVTGHEDAHFALAFARIENHYFVNGGFF
EVEDQLLRDAHRIADIPGVIVHGRYDVVCPLQSAWDLHKAWPKAQLQISPASGHSAFEPENVDALVRATDGFA
;
_entity_poly.pdbx_strand_id   A,B
#
# COMPACT_ATOMS: atom_id res chain seq x y z
N MET A 1 39.69 -22.47 -5.68
CA MET A 1 38.72 -21.39 -5.27
C MET A 1 39.42 -20.09 -4.85
N ARG A 2 39.19 -19.05 -5.64
CA ARG A 2 39.77 -17.73 -5.41
C ARG A 2 39.16 -17.07 -4.20
N THR A 3 39.80 -16.00 -3.75
CA THR A 3 39.30 -15.24 -2.61
C THR A 3 39.37 -13.76 -2.94
N LEU A 4 38.80 -12.96 -2.03
CA LEU A 4 38.80 -11.50 -2.17
C LEU A 4 40.26 -11.05 -2.10
N TYR A 5 40.63 -10.06 -2.90
CA TYR A 5 41.99 -9.54 -2.83
C TYR A 5 42.15 -8.97 -1.42
N PRO A 6 43.39 -8.59 -1.05
CA PRO A 6 43.57 -8.07 0.32
C PRO A 6 42.99 -6.69 0.64
N GLU A 7 42.71 -6.47 1.93
CA GLU A 7 42.16 -5.21 2.43
C GLU A 7 42.92 -4.02 1.85
N ILE A 8 42.20 -3.10 1.22
CA ILE A 8 42.83 -1.96 0.60
C ILE A 8 42.10 -0.70 1.02
N THR A 9 42.81 0.43 0.94
CA THR A 9 42.28 1.74 1.30
C THR A 9 42.25 2.60 0.05
N PRO A 10 41.27 3.51 -0.03
CA PRO A 10 41.21 4.37 -1.22
C PRO A 10 42.30 5.45 -1.23
N TYR A 11 42.86 5.67 -2.42
CA TYR A 11 43.89 6.68 -2.60
C TYR A 11 43.23 8.04 -2.68
N GLN A 12 41.91 8.05 -2.82
CA GLN A 12 41.11 9.26 -2.92
C GLN A 12 39.69 9.00 -2.45
N GLN A 13 39.16 9.96 -1.69
CA GLN A 13 37.80 9.91 -1.15
C GLN A 13 37.23 11.30 -1.44
N GLY A 14 35.92 11.41 -1.62
CA GLY A 14 35.36 12.72 -1.92
C GLY A 14 33.87 12.88 -1.72
N SER A 15 33.33 13.88 -2.40
CA SER A 15 31.90 14.20 -2.36
C SER A 15 31.58 14.89 -3.65
N LEU A 16 30.42 14.59 -4.21
CA LEU A 16 30.01 15.20 -5.44
C LEU A 16 28.59 15.68 -5.26
N LYS A 17 28.35 16.94 -5.61
CA LYS A 17 27.02 17.54 -5.50
C LYS A 17 26.33 17.28 -6.82
N VAL A 18 25.40 16.33 -6.82
CA VAL A 18 24.69 15.93 -8.03
C VAL A 18 23.51 16.84 -8.34
N ASP A 19 22.96 17.43 -7.29
CA ASP A 19 21.88 18.39 -7.44
C ASP A 19 21.86 19.24 -6.17
N ASP A 20 21.05 20.29 -6.17
CA ASP A 20 20.99 21.20 -5.03
C ASP A 20 20.58 20.60 -3.68
N ARG A 21 20.39 19.27 -3.64
CA ARG A 21 19.95 18.58 -2.41
C ARG A 21 20.79 17.37 -2.00
N HIS A 22 21.26 16.64 -3.02
CA HIS A 22 22.03 15.42 -2.83
C HIS A 22 23.53 15.59 -3.07
N THR A 23 24.30 15.01 -2.15
CA THR A 23 25.76 15.02 -2.16
C THR A 23 26.23 13.57 -2.01
N LEU A 24 26.75 13.02 -3.09
CA LEU A 24 27.23 11.63 -3.12
C LEU A 24 28.68 11.42 -2.67
N TYR A 25 28.89 10.48 -1.76
CA TYR A 25 30.24 10.13 -1.31
C TYR A 25 30.82 9.17 -2.34
N PHE A 26 32.05 9.38 -2.75
CA PHE A 26 32.66 8.46 -3.69
C PHE A 26 34.10 8.22 -3.27
N GLU A 27 34.76 7.23 -3.87
CA GLU A 27 36.15 6.92 -3.53
C GLU A 27 36.77 6.11 -4.64
N GLN A 28 38.10 6.10 -4.69
CA GLN A 28 38.80 5.34 -5.71
C GLN A 28 39.89 4.49 -5.07
N CYS A 29 39.97 3.23 -5.52
CA CYS A 29 40.96 2.29 -5.02
C CYS A 29 41.70 1.71 -6.20
N GLY A 30 42.86 1.10 -5.94
CA GLY A 30 43.62 0.49 -7.00
C GLY A 30 44.57 1.31 -7.85
N ASN A 31 44.86 0.80 -9.03
CA ASN A 31 45.77 1.43 -9.95
C ASN A 31 45.06 2.59 -10.62
N PRO A 32 45.41 3.82 -10.24
CA PRO A 32 44.83 5.04 -10.80
C PRO A 32 44.80 5.10 -12.33
N HIS A 33 45.60 4.27 -12.98
CA HIS A 33 45.65 4.24 -14.44
C HIS A 33 45.21 2.89 -14.95
N GLY A 34 44.58 2.13 -14.06
CA GLY A 34 44.10 0.80 -14.37
C GLY A 34 42.75 0.82 -15.05
N LYS A 35 42.27 -0.35 -15.44
CA LYS A 35 40.98 -0.51 -16.10
C LYS A 35 39.92 0.07 -15.15
N PRO A 36 39.09 1.02 -15.61
CA PRO A 36 38.06 1.60 -14.75
C PRO A 36 36.82 0.70 -14.52
N VAL A 37 36.33 0.66 -13.29
CA VAL A 37 35.14 -0.12 -12.95
C VAL A 37 34.33 0.60 -11.88
N VAL A 38 33.02 0.67 -12.06
CA VAL A 38 32.17 1.34 -11.07
C VAL A 38 31.40 0.29 -10.27
N MET A 39 31.41 0.41 -8.94
CA MET A 39 30.76 -0.53 -8.05
C MET A 39 29.35 -0.10 -7.61
N LEU A 40 28.32 -0.83 -8.07
CA LEU A 40 26.94 -0.53 -7.67
C LEU A 40 26.52 -1.40 -6.48
N HIS A 41 26.28 -0.79 -5.32
CA HIS A 41 25.88 -1.56 -4.16
C HIS A 41 24.43 -1.98 -4.27
N GLY A 42 24.03 -2.89 -3.39
CA GLY A 42 22.67 -3.40 -3.38
C GLY A 42 21.76 -2.61 -2.47
N GLY A 43 20.63 -3.23 -2.14
CA GLY A 43 19.64 -2.58 -1.31
C GLY A 43 18.40 -2.54 -2.19
N PRO A 44 18.03 -1.38 -2.79
CA PRO A 44 18.70 -0.07 -2.71
C PRO A 44 18.76 0.54 -1.31
N GLY A 45 19.76 1.41 -1.11
CA GLY A 45 19.95 2.07 0.15
C GLY A 45 20.98 1.41 1.03
N GLY A 46 21.78 0.50 0.48
CA GLY A 46 22.77 -0.17 1.32
C GLY A 46 24.06 0.57 1.54
N GLY A 47 24.59 1.15 0.47
CA GLY A 47 25.85 1.86 0.58
C GLY A 47 26.95 0.83 0.48
N CYS A 48 28.10 1.22 -0.05
CA CYS A 48 29.24 0.33 -0.19
C CYS A 48 29.91 0.06 1.13
N ASN A 49 30.70 -1.02 1.18
CA ASN A 49 31.45 -1.39 2.37
C ASN A 49 32.91 -1.62 1.96
N ASP A 50 33.78 -1.80 2.95
CA ASP A 50 35.18 -1.98 2.68
C ASP A 50 35.44 -3.21 1.80
N LYS A 51 34.72 -4.29 2.12
CA LYS A 51 34.86 -5.53 1.38
C LYS A 51 34.67 -5.41 -0.12
N MET A 52 33.82 -4.49 -0.55
CA MET A 52 33.54 -4.33 -1.98
C MET A 52 34.70 -3.83 -2.85
N ARG A 53 35.75 -3.33 -2.20
CA ARG A 53 36.95 -2.83 -2.90
C ARG A 53 37.81 -3.99 -3.41
N ARG A 54 37.60 -5.17 -2.81
CA ARG A 54 38.38 -6.37 -3.07
C ARG A 54 38.03 -7.38 -4.17
N PHE A 55 37.04 -7.09 -5.01
CA PHE A 55 36.70 -8.05 -6.05
C PHE A 55 37.61 -7.89 -7.25
N HIS A 56 38.34 -6.78 -7.30
CA HIS A 56 39.23 -6.53 -8.44
C HIS A 56 40.69 -6.45 -8.09
N ASP A 57 41.54 -6.83 -9.06
CA ASP A 57 42.98 -6.79 -8.89
C ASP A 57 43.44 -5.32 -8.87
N PRO A 58 43.88 -4.83 -7.70
CA PRO A 58 44.33 -3.46 -7.51
C PRO A 58 45.55 -3.05 -8.32
N ALA A 59 46.05 -3.98 -9.12
CA ALA A 59 47.19 -3.70 -9.99
C ALA A 59 46.67 -3.41 -11.39
N LYS A 60 45.53 -4.00 -11.74
CA LYS A 60 44.97 -3.82 -13.08
C LYS A 60 43.72 -2.98 -13.13
N TYR A 61 43.08 -2.74 -11.99
CA TYR A 61 41.81 -2.00 -11.95
C TYR A 61 41.72 -0.70 -11.17
N ARG A 62 41.15 0.29 -11.83
CA ARG A 62 40.87 1.58 -11.23
C ARG A 62 39.45 1.37 -10.72
N ILE A 63 39.35 1.10 -9.43
CA ILE A 63 38.08 0.79 -8.76
C ILE A 63 37.34 2.02 -8.21
N VAL A 64 36.23 2.36 -8.85
CA VAL A 64 35.42 3.50 -8.41
C VAL A 64 34.22 3.03 -7.58
N LEU A 65 34.02 3.58 -6.40
CA LEU A 65 32.89 3.19 -5.59
C LEU A 65 32.14 4.43 -5.14
N PHE A 66 30.86 4.30 -4.82
CA PHE A 66 30.08 5.43 -4.34
C PHE A 66 28.76 5.04 -3.69
N ASP A 67 28.33 5.82 -2.73
CA ASP A 67 27.07 5.56 -2.08
C ASP A 67 25.99 6.23 -2.90
N GLN A 68 24.88 5.54 -3.05
CA GLN A 68 23.78 6.05 -3.84
C GLN A 68 22.97 6.94 -2.94
N ARG A 69 22.15 7.81 -3.55
CA ARG A 69 21.34 8.77 -2.80
C ARG A 69 20.71 8.31 -1.49
N GLY A 70 20.98 9.07 -0.44
CA GLY A 70 20.41 8.79 0.86
C GLY A 70 20.97 7.58 1.53
N SER A 71 21.93 6.94 0.89
CA SER A 71 22.48 5.73 1.49
C SER A 71 23.89 5.89 2.03
N GLY A 72 24.11 5.31 3.21
CA GLY A 72 25.44 5.32 3.79
C GLY A 72 25.98 6.68 4.16
N ARG A 73 27.00 7.13 3.44
CA ARG A 73 27.61 8.42 3.74
C ARG A 73 27.34 9.50 2.67
N SER A 74 26.20 9.35 2.00
CA SER A 74 25.71 10.31 1.02
C SER A 74 24.65 11.07 1.83
N THR A 75 24.32 12.30 1.40
CA THR A 75 23.36 13.13 2.13
C THR A 75 22.32 13.83 1.26
N PRO A 76 21.12 14.07 1.82
CA PRO A 76 20.81 13.69 3.21
C PRO A 76 20.48 12.21 3.35
N HIS A 77 20.91 11.65 4.47
CA HIS A 77 20.72 10.24 4.78
C HIS A 77 19.24 9.85 4.78
N ALA A 78 18.93 8.67 4.25
CA ALA A 78 17.56 8.12 4.17
C ALA A 78 16.59 9.04 3.44
N ASP A 79 17.03 9.67 2.36
CA ASP A 79 16.15 10.60 1.68
C ASP A 79 15.39 10.05 0.48
N LEU A 80 14.06 10.23 0.52
CA LEU A 80 13.18 9.74 -0.56
C LEU A 80 12.83 10.77 -1.66
N VAL A 81 13.22 12.03 -1.43
CA VAL A 81 12.97 13.10 -2.41
C VAL A 81 13.98 12.99 -3.55
N ASP A 82 13.46 12.89 -4.76
CA ASP A 82 14.30 12.75 -5.95
C ASP A 82 15.26 11.58 -5.82
N ASN A 83 14.76 10.51 -5.20
CA ASN A 83 15.51 9.26 -5.04
C ASN A 83 14.74 8.28 -5.93
N THR A 84 15.25 8.13 -7.14
CA THR A 84 14.58 7.36 -8.17
C THR A 84 15.59 6.65 -9.07
N THR A 85 15.20 5.52 -9.64
CA THR A 85 16.06 4.74 -10.54
C THR A 85 16.73 5.59 -11.62
N TRP A 86 15.99 6.53 -12.22
CA TRP A 86 16.55 7.35 -13.29
C TRP A 86 17.46 8.47 -12.77
N ASP A 87 17.30 8.82 -11.49
CA ASP A 87 18.15 9.82 -10.90
C ASP A 87 19.46 9.09 -10.69
N LEU A 88 19.40 7.91 -10.05
CA LEU A 88 20.59 7.09 -9.82
C LEU A 88 21.27 6.74 -11.15
N VAL A 89 20.51 6.57 -12.23
CA VAL A 89 21.14 6.26 -13.51
C VAL A 89 21.89 7.50 -13.98
N ALA A 90 21.32 8.68 -13.74
CA ALA A 90 21.93 9.94 -14.13
C ALA A 90 23.23 10.15 -13.35
N ASP A 91 23.16 9.95 -12.03
CA ASP A 91 24.32 10.09 -11.15
C ASP A 91 25.54 9.30 -11.65
N ILE A 92 25.31 8.07 -12.14
CA ILE A 92 26.42 7.24 -12.64
C ILE A 92 27.11 8.01 -13.74
N GLU A 93 26.33 8.70 -14.56
CA GLU A 93 26.88 9.48 -15.64
C GLU A 93 27.60 10.74 -15.12
N ARG A 94 27.08 11.35 -14.06
CA ARG A 94 27.75 12.52 -13.53
C ARG A 94 29.12 12.14 -13.02
N LEU A 95 29.20 11.03 -12.28
CA LEU A 95 30.46 10.52 -11.73
C LEU A 95 31.43 10.17 -12.86
N ARG A 96 30.92 9.46 -13.85
CA ARG A 96 31.73 9.04 -14.98
C ARG A 96 32.41 10.26 -15.65
N THR A 97 31.55 11.21 -16.02
CA THR A 97 31.91 12.46 -16.66
C THR A 97 32.84 13.29 -15.78
N HIS A 98 32.53 13.37 -14.48
CA HIS A 98 33.34 14.10 -13.55
C HIS A 98 34.73 13.52 -13.39
N LEU A 99 34.85 12.20 -13.42
CA LEU A 99 36.15 11.52 -13.27
C LEU A 99 36.85 11.40 -14.60
N GLY A 100 36.22 11.87 -15.65
CA GLY A 100 36.83 11.83 -16.96
C GLY A 100 37.01 10.48 -17.62
N VAL A 101 36.28 9.45 -17.20
CA VAL A 101 36.40 8.14 -17.85
C VAL A 101 35.39 8.07 -19.00
N ASP A 102 35.78 7.45 -20.12
CA ASP A 102 34.92 7.33 -21.30
C ASP A 102 33.94 6.14 -21.28
N ARG A 103 34.47 4.96 -20.90
CA ARG A 103 33.72 3.72 -20.80
C ARG A 103 34.27 3.02 -19.57
N TRP A 104 33.43 2.23 -18.91
CA TRP A 104 33.87 1.49 -17.73
C TRP A 104 33.05 0.22 -17.45
N GLN A 105 33.67 -0.70 -16.74
CA GLN A 105 33.04 -1.96 -16.37
C GLN A 105 32.06 -1.66 -15.22
N VAL A 106 30.84 -2.17 -15.36
CA VAL A 106 29.83 -1.97 -14.33
C VAL A 106 29.71 -3.29 -13.55
N PHE A 107 29.89 -3.20 -12.24
CA PHE A 107 29.82 -4.35 -11.39
C PHE A 107 28.76 -4.11 -10.32
N GLY A 108 27.73 -4.95 -10.28
CA GLY A 108 26.69 -4.78 -9.27
C GLY A 108 25.97 -6.05 -8.93
N GLY A 109 25.56 -6.18 -7.67
CA GLY A 109 24.85 -7.37 -7.25
C GLY A 109 23.57 -7.01 -6.52
N SER A 110 22.55 -7.86 -6.63
CA SER A 110 21.27 -7.63 -5.98
C SER A 110 20.69 -6.39 -6.67
N TRP A 111 20.22 -5.39 -5.90
CA TRP A 111 19.70 -4.16 -6.51
C TRP A 111 20.75 -3.60 -7.46
N GLY A 112 22.01 -3.85 -7.15
CA GLY A 112 23.11 -3.39 -7.97
C GLY A 112 22.98 -3.90 -9.38
N SER A 113 22.46 -5.11 -9.55
CA SER A 113 22.32 -5.68 -10.90
C SER A 113 21.17 -4.98 -11.63
N THR A 114 20.18 -4.54 -10.83
CA THR A 114 19.03 -3.82 -11.37
C THR A 114 19.55 -2.51 -11.96
N LEU A 115 20.29 -1.74 -11.15
CA LEU A 115 20.87 -0.46 -11.59
C LEU A 115 21.80 -0.65 -12.76
N ALA A 116 22.68 -1.65 -12.64
CA ALA A 116 23.64 -1.97 -13.66
C ALA A 116 22.93 -2.15 -14.98
N LEU A 117 21.81 -2.87 -14.94
CA LEU A 117 21.03 -3.14 -16.16
C LEU A 117 20.29 -1.89 -16.67
N ALA A 118 19.61 -1.19 -15.77
CA ALA A 118 18.88 0.02 -16.13
C ALA A 118 19.86 0.94 -16.82
N TYR A 119 21.02 1.10 -16.16
CA TYR A 119 22.10 1.96 -16.63
C TYR A 119 22.61 1.54 -18.00
N ALA A 120 23.10 0.30 -18.12
CA ALA A 120 23.62 -0.22 -19.39
C ALA A 120 22.65 -0.07 -20.56
N GLN A 121 21.35 -0.28 -20.30
CA GLN A 121 20.30 -0.18 -21.32
C GLN A 121 20.10 1.25 -21.79
N THR A 122 20.31 2.21 -20.88
CA THR A 122 20.19 3.64 -21.19
C THR A 122 21.49 4.14 -21.86
N HIS A 123 22.64 3.66 -21.36
CA HIS A 123 23.93 4.08 -21.89
C HIS A 123 24.85 2.92 -22.22
N PRO A 124 24.48 2.09 -23.22
CA PRO A 124 25.24 0.92 -23.68
C PRO A 124 26.72 1.23 -23.95
N GLN A 125 26.93 2.34 -24.65
CA GLN A 125 28.23 2.82 -25.08
C GLN A 125 29.30 3.09 -24.03
N GLN A 126 28.91 3.39 -22.79
CA GLN A 126 29.89 3.68 -21.73
C GLN A 126 30.17 2.44 -20.91
N VAL A 127 29.67 1.29 -21.34
CA VAL A 127 29.87 0.05 -20.61
C VAL A 127 30.78 -0.90 -21.35
N THR A 128 31.82 -1.36 -20.67
CA THR A 128 32.76 -2.29 -21.27
C THR A 128 32.29 -3.74 -21.06
N GLU A 129 31.97 -4.09 -19.81
CA GLU A 129 31.50 -5.42 -19.45
C GLU A 129 30.58 -5.25 -18.27
N LEU A 130 29.73 -6.25 -18.05
CA LEU A 130 28.80 -6.24 -16.92
C LEU A 130 29.11 -7.47 -16.07
N VAL A 131 29.27 -7.27 -14.78
CA VAL A 131 29.58 -8.38 -13.86
C VAL A 131 28.46 -8.36 -12.81
N LEU A 132 27.41 -9.10 -13.11
CA LEU A 132 26.22 -9.16 -12.26
C LEU A 132 26.19 -10.35 -11.33
N ARG A 133 25.47 -10.21 -10.23
CA ARG A 133 25.34 -11.25 -9.21
C ARG A 133 24.01 -11.03 -8.50
N GLY A 134 23.33 -12.12 -8.12
CA GLY A 134 22.06 -11.99 -7.41
C GLY A 134 21.00 -11.21 -8.17
N ILE A 135 20.86 -11.51 -9.47
CA ILE A 135 19.90 -10.88 -10.36
C ILE A 135 18.55 -10.55 -9.74
N PHE A 136 18.15 -9.30 -9.90
CA PHE A 136 16.90 -8.73 -9.37
C PHE A 136 16.33 -7.93 -10.55
N LEU A 137 15.16 -8.31 -11.03
CA LEU A 137 14.57 -7.63 -12.18
C LEU A 137 13.40 -6.75 -11.80
N LEU A 138 13.10 -6.71 -10.51
CA LEU A 138 12.01 -5.90 -9.98
C LEU A 138 10.57 -6.14 -10.48
N ARG A 139 10.32 -7.27 -11.12
CA ARG A 139 8.97 -7.57 -11.56
C ARG A 139 8.21 -7.83 -10.25
N ARG A 140 6.91 -7.57 -10.22
CA ARG A 140 6.20 -7.77 -8.97
C ARG A 140 6.25 -9.16 -8.32
N PHE A 141 6.34 -10.21 -9.12
CA PHE A 141 6.37 -11.54 -8.50
C PHE A 141 7.62 -11.72 -7.65
N GLU A 142 8.68 -10.98 -7.99
CA GLU A 142 9.92 -11.07 -7.25
C GLU A 142 9.74 -10.36 -5.92
N LEU A 143 9.04 -9.23 -5.93
CA LEU A 143 8.86 -8.48 -4.70
C LEU A 143 7.94 -9.25 -3.78
N GLU A 144 6.87 -9.77 -4.36
CA GLU A 144 5.90 -10.52 -3.58
C GLU A 144 6.51 -11.81 -3.04
N TRP A 145 7.41 -12.41 -3.84
CA TRP A 145 8.09 -13.63 -3.41
C TRP A 145 8.80 -13.39 -2.09
N PHE A 146 9.59 -12.33 -2.05
CA PHE A 146 10.35 -12.05 -0.85
C PHE A 146 9.63 -11.36 0.29
N TYR A 147 8.70 -10.45 -0.01
CA TYR A 147 8.03 -9.72 1.07
C TYR A 147 6.58 -10.06 1.41
N GLN A 148 5.96 -10.89 0.57
CA GLN A 148 4.57 -11.29 0.81
C GLN A 148 4.45 -12.79 1.08
N GLU A 149 4.98 -13.60 0.17
CA GLU A 149 4.91 -15.05 0.34
C GLU A 149 5.74 -15.78 -0.69
N GLY A 150 6.62 -16.65 -0.18
CA GLY A 150 7.53 -17.43 -1.01
C GLY A 150 8.68 -17.88 -0.13
N ALA A 151 9.67 -17.02 0.03
CA ALA A 151 10.83 -17.29 0.89
C ALA A 151 10.36 -17.56 2.31
N SER A 152 9.13 -17.16 2.63
CA SER A 152 8.54 -17.36 3.95
C SER A 152 8.38 -18.85 4.28
N ARG A 153 8.22 -19.66 3.25
CA ARG A 153 8.07 -21.09 3.42
C ARG A 153 9.36 -21.75 3.89
N LEU A 154 10.50 -21.31 3.36
CA LEU A 154 11.80 -21.86 3.77
C LEU A 154 12.30 -21.25 5.09
N PHE A 155 11.91 -20.02 5.40
CA PHE A 155 12.35 -19.41 6.65
C PHE A 155 11.19 -19.04 7.58
N PRO A 156 10.37 -20.02 7.95
CA PRO A 156 9.20 -19.87 8.80
C PRO A 156 9.53 -19.16 10.09
N ASP A 157 10.61 -19.62 10.71
CA ASP A 157 11.10 -19.09 11.99
C ASP A 157 11.41 -17.58 11.99
N ALA A 158 12.13 -17.13 10.96
CA ALA A 158 12.50 -15.73 10.81
C ALA A 158 11.28 -14.91 10.41
N TRP A 159 10.56 -15.39 9.41
CA TRP A 159 9.38 -14.70 8.91
C TRP A 159 8.36 -14.32 9.96
N GLU A 160 8.29 -15.07 11.05
CA GLU A 160 7.35 -14.75 12.11
C GLU A 160 7.65 -13.37 12.67
N HIS A 161 8.94 -13.00 12.63
CA HIS A 161 9.39 -11.70 13.14
C HIS A 161 8.99 -10.54 12.20
N TYR A 162 9.17 -10.74 10.90
CA TYR A 162 8.80 -9.75 9.92
C TYR A 162 7.30 -9.49 10.04
N LEU A 163 6.51 -10.57 9.99
CA LEU A 163 5.06 -10.48 10.10
C LEU A 163 4.55 -9.76 11.33
N ASN A 164 5.14 -10.04 12.50
CA ASN A 164 4.71 -9.43 13.77
C ASN A 164 4.74 -7.89 13.81
N ALA A 165 5.47 -7.28 12.88
CA ALA A 165 5.59 -5.83 12.79
C ALA A 165 4.29 -5.18 12.27
N ILE A 166 3.49 -5.95 11.53
CA ILE A 166 2.23 -5.46 10.93
C ILE A 166 1.00 -6.09 11.57
N PRO A 167 -0.04 -5.29 11.87
CA PRO A 167 -1.23 -5.91 12.48
C PRO A 167 -1.85 -6.87 11.48
N PRO A 168 -2.50 -7.92 11.99
CA PRO A 168 -3.13 -8.93 11.13
C PRO A 168 -4.03 -8.41 9.98
N VAL A 169 -4.92 -7.45 10.28
CA VAL A 169 -5.83 -6.90 9.26
C VAL A 169 -5.13 -6.18 8.10
N GLU A 170 -3.84 -5.87 8.26
CA GLU A 170 -3.09 -5.19 7.20
C GLU A 170 -2.13 -6.10 6.46
N ARG A 171 -1.96 -7.31 6.96
CA ARG A 171 -1.06 -8.31 6.40
C ARG A 171 -1.32 -8.77 4.97
N ALA A 172 -2.36 -8.24 4.32
CA ALA A 172 -2.68 -8.66 2.95
C ALA A 172 -1.74 -8.16 1.88
N ASP A 173 -1.16 -6.99 2.11
CA ASP A 173 -0.16 -6.45 1.18
C ASP A 173 0.85 -5.87 2.13
N LEU A 174 1.82 -6.69 2.53
CA LEU A 174 2.83 -6.29 3.49
C LEU A 174 3.71 -5.12 3.08
N MET A 175 4.02 -5.01 1.79
CA MET A 175 4.88 -3.92 1.35
C MET A 175 4.28 -2.56 1.61
N SER A 176 3.01 -2.38 1.27
CA SER A 176 2.34 -1.12 1.52
C SER A 176 2.13 -0.92 3.01
N ALA A 177 1.93 -1.99 3.76
CA ALA A 177 1.74 -1.85 5.18
C ALA A 177 3.01 -1.34 5.87
N PHE A 178 4.16 -1.75 5.34
CA PHE A 178 5.46 -1.32 5.88
C PHE A 178 5.69 0.14 5.48
N HIS A 179 5.38 0.48 4.22
CA HIS A 179 5.53 1.83 3.71
C HIS A 179 4.83 2.84 4.59
N ARG A 180 3.57 2.59 4.94
CA ARG A 180 2.84 3.53 5.78
C ARG A 180 3.58 3.77 7.11
N ARG A 181 4.30 2.76 7.58
CA ARG A 181 5.03 2.86 8.82
C ARG A 181 6.42 3.49 8.67
N LEU A 182 7.07 3.20 7.56
CA LEU A 182 8.40 3.72 7.25
C LEU A 182 8.29 5.18 6.80
N THR A 183 7.07 5.61 6.56
CA THR A 183 6.76 6.95 6.11
C THR A 183 6.03 7.72 7.20
N SER A 184 5.90 7.10 8.37
CA SER A 184 5.23 7.72 9.50
C SER A 184 5.96 8.98 9.94
N ASP A 185 5.24 9.85 10.63
CA ASP A 185 5.86 11.05 11.14
C ASP A 185 6.52 10.63 12.44
N ASP A 186 5.89 9.67 13.12
CA ASP A 186 6.39 9.13 14.37
C ASP A 186 7.69 8.35 14.15
N GLU A 187 8.77 8.83 14.75
CA GLU A 187 10.09 8.21 14.65
C GLU A 187 10.16 6.79 15.22
N ALA A 188 9.57 6.59 16.40
CA ALA A 188 9.54 5.29 17.07
C ALA A 188 8.92 4.20 16.17
N THR A 189 7.82 4.57 15.53
CA THR A 189 7.05 3.74 14.60
C THR A 189 7.88 3.34 13.39
N ARG A 190 8.47 4.30 12.71
CA ARG A 190 9.24 3.97 11.53
C ARG A 190 10.51 3.19 11.86
N LEU A 191 10.97 3.32 13.10
CA LEU A 191 12.18 2.63 13.53
C LEU A 191 11.86 1.14 13.65
N ALA A 192 10.85 0.82 14.45
CA ALA A 192 10.38 -0.55 14.66
C ALA A 192 10.16 -1.27 13.32
N ALA A 193 9.50 -0.58 12.39
CA ALA A 193 9.26 -1.16 11.08
C ALA A 193 10.53 -1.30 10.28
N ALA A 194 11.43 -0.31 10.37
CA ALA A 194 12.69 -0.35 9.63
C ALA A 194 13.57 -1.53 10.04
N LYS A 195 13.63 -1.79 11.35
CA LYS A 195 14.43 -2.89 11.85
C LYS A 195 13.87 -4.23 11.39
N ALA A 196 12.56 -4.42 11.60
CA ALA A 196 11.90 -5.65 11.20
C ALA A 196 12.13 -5.92 9.71
N TRP A 197 11.97 -4.91 8.87
CA TRP A 197 12.17 -5.07 7.44
C TRP A 197 13.62 -5.40 7.07
N SER A 198 14.57 -4.75 7.72
CA SER A 198 16.00 -4.93 7.44
C SER A 198 16.55 -6.25 7.96
N VAL A 199 16.09 -6.67 9.13
CA VAL A 199 16.56 -7.94 9.66
C VAL A 199 16.17 -9.08 8.70
N TRP A 200 14.92 -9.11 8.26
CA TRP A 200 14.43 -10.12 7.32
C TRP A 200 15.41 -10.40 6.15
N GLU A 201 15.97 -9.37 5.53
CA GLU A 201 16.92 -9.63 4.45
C GLU A 201 18.27 -10.10 5.02
N GLY A 202 18.51 -9.80 6.30
CA GLY A 202 19.73 -10.22 6.95
C GLY A 202 19.75 -11.70 7.33
N ALA A 203 18.64 -12.16 7.88
CA ALA A 203 18.44 -13.55 8.28
C ALA A 203 18.34 -14.52 7.11
N THR A 204 18.25 -14.02 5.88
CA THR A 204 18.10 -14.86 4.70
C THR A 204 19.07 -14.61 3.52
N SER A 205 20.21 -13.96 3.76
CA SER A 205 21.15 -13.67 2.65
C SER A 205 22.28 -14.67 2.36
N PHE A 206 22.47 -15.61 3.29
CA PHE A 206 23.51 -16.63 3.17
C PHE A 206 22.87 -17.99 3.44
N LEU A 207 23.33 -19.04 2.74
CA LEU A 207 22.83 -20.42 2.95
C LEU A 207 22.90 -20.78 4.46
N HIS A 208 23.98 -20.35 5.10
CA HIS A 208 24.22 -20.56 6.52
C HIS A 208 24.03 -19.20 7.17
N VAL A 209 23.00 -19.07 8.00
CA VAL A 209 22.68 -17.85 8.72
C VAL A 209 23.97 -17.30 9.36
N ASP A 210 24.27 -16.03 9.07
CA ASP A 210 25.45 -15.35 9.60
C ASP A 210 25.00 -14.37 10.70
N GLU A 211 25.20 -14.74 11.96
CA GLU A 211 24.75 -13.90 13.10
C GLU A 211 25.19 -12.42 13.10
N ASP A 212 26.37 -12.12 12.56
CA ASP A 212 26.86 -10.74 12.51
C ASP A 212 26.10 -9.91 11.47
N PHE A 213 25.79 -10.54 10.34
CA PHE A 213 25.06 -9.90 9.25
C PHE A 213 23.67 -9.48 9.76
N VAL A 214 22.99 -10.37 10.48
CA VAL A 214 21.66 -10.06 11.02
C VAL A 214 21.78 -8.88 11.96
N THR A 215 22.70 -8.98 12.92
CA THR A 215 22.93 -7.93 13.92
C THR A 215 23.24 -6.57 13.27
N GLY A 216 24.11 -6.59 12.26
CA GLY A 216 24.47 -5.37 11.58
C GLY A 216 23.25 -4.80 10.88
N HIS A 217 22.33 -5.66 10.50
CA HIS A 217 21.12 -5.25 9.83
C HIS A 217 20.07 -4.64 10.76
N GLU A 218 20.24 -4.78 12.07
CA GLU A 218 19.29 -4.20 13.02
C GLU A 218 19.82 -2.95 13.69
N ASP A 219 20.90 -2.41 13.11
CA ASP A 219 21.53 -1.18 13.57
C ASP A 219 20.60 -0.06 13.09
N ALA A 220 20.06 0.73 14.04
CA ALA A 220 19.12 1.82 13.76
C ALA A 220 19.49 2.74 12.61
N HIS A 221 20.75 3.16 12.55
CA HIS A 221 21.17 4.05 11.48
C HIS A 221 21.09 3.39 10.12
N PHE A 222 21.60 2.16 10.03
CA PHE A 222 21.58 1.40 8.78
C PHE A 222 20.14 0.96 8.45
N ALA A 223 19.41 0.52 9.48
CA ALA A 223 18.03 0.06 9.31
C ALA A 223 17.19 1.11 8.57
N LEU A 224 17.18 2.33 9.12
CA LEU A 224 16.44 3.47 8.57
C LEU A 224 16.62 3.77 7.09
N ALA A 225 17.85 3.85 6.63
CA ALA A 225 18.01 4.17 5.23
C ALA A 225 17.66 2.99 4.35
N PHE A 226 18.19 1.83 4.71
CA PHE A 226 17.98 0.56 3.99
C PHE A 226 16.51 0.28 3.76
N ALA A 227 15.76 0.20 4.85
CA ALA A 227 14.34 -0.08 4.82
C ALA A 227 13.58 0.94 4.01
N ARG A 228 13.69 2.21 4.39
CA ARG A 228 12.96 3.28 3.71
C ARG A 228 13.27 3.40 2.23
N ILE A 229 14.53 3.23 1.86
CA ILE A 229 14.88 3.38 0.46
C ILE A 229 14.45 2.17 -0.35
N GLU A 230 14.56 1.02 0.30
CA GLU A 230 14.20 -0.25 -0.30
C GLU A 230 12.70 -0.28 -0.53
N ASN A 231 11.96 -0.10 0.55
CA ASN A 231 10.52 -0.08 0.49
C ASN A 231 10.01 0.92 -0.55
N HIS A 232 10.59 2.14 -0.52
CA HIS A 232 10.29 3.24 -1.45
C HIS A 232 10.40 2.83 -2.93
N TYR A 233 11.48 2.13 -3.28
CA TYR A 233 11.67 1.68 -4.66
C TYR A 233 10.72 0.55 -5.10
N PHE A 234 10.35 -0.31 -4.14
CA PHE A 234 9.49 -1.48 -4.40
C PHE A 234 8.02 -1.11 -4.58
N VAL A 235 7.54 -0.28 -3.67
CA VAL A 235 6.16 0.17 -3.70
C VAL A 235 5.86 0.98 -4.97
N ASN A 236 6.89 1.57 -5.56
CA ASN A 236 6.74 2.38 -6.77
C ASN A 236 7.14 1.54 -7.97
N GLY A 237 7.45 0.26 -7.73
CA GLY A 237 7.85 -0.60 -8.83
C GLY A 237 9.09 -0.22 -9.62
N GLY A 238 10.13 0.24 -8.92
CA GLY A 238 11.38 0.62 -9.56
C GLY A 238 11.27 1.78 -10.53
N PHE A 239 10.14 2.48 -10.49
CA PHE A 239 9.87 3.62 -11.37
C PHE A 239 10.07 3.23 -12.82
N PHE A 240 9.78 1.98 -13.17
CA PHE A 240 9.93 1.54 -14.56
C PHE A 240 8.63 1.89 -15.26
N GLU A 241 8.62 1.83 -16.59
CA GLU A 241 7.41 2.13 -17.35
C GLU A 241 6.54 0.91 -17.22
N VAL A 242 7.12 -0.23 -17.54
CA VAL A 242 6.42 -1.49 -17.45
C VAL A 242 7.25 -2.43 -16.58
N GLU A 243 6.55 -3.22 -15.78
CA GLU A 243 7.14 -4.19 -14.88
C GLU A 243 8.32 -5.00 -15.41
N ASP A 244 8.24 -5.46 -16.65
CA ASP A 244 9.32 -6.28 -17.24
C ASP A 244 10.30 -5.51 -18.13
N GLN A 245 10.49 -4.23 -17.81
CA GLN A 245 11.35 -3.37 -18.61
C GLN A 245 12.75 -3.88 -18.84
N LEU A 246 13.38 -4.42 -17.80
CA LEU A 246 14.75 -4.90 -17.99
C LEU A 246 14.83 -6.06 -18.99
N LEU A 247 13.78 -6.88 -19.05
CA LEU A 247 13.77 -7.94 -20.04
C LEU A 247 13.37 -7.31 -21.35
N ARG A 248 12.38 -6.42 -21.32
CA ARG A 248 11.93 -5.76 -22.55
C ARG A 248 13.06 -5.12 -23.34
N ASP A 249 13.92 -4.36 -22.65
CA ASP A 249 15.02 -3.68 -23.31
C ASP A 249 16.37 -4.39 -23.30
N ALA A 250 16.39 -5.68 -22.96
CA ALA A 250 17.64 -6.45 -22.92
C ALA A 250 18.39 -6.50 -24.24
N HIS A 251 17.71 -6.19 -25.33
CA HIS A 251 18.35 -6.18 -26.65
C HIS A 251 19.44 -5.11 -26.75
N ARG A 252 19.31 -4.03 -25.99
CA ARG A 252 20.30 -2.96 -26.03
C ARG A 252 21.66 -3.36 -25.46
N ILE A 253 21.68 -4.41 -24.63
CA ILE A 253 22.95 -4.88 -24.07
C ILE A 253 23.42 -6.19 -24.73
N ALA A 254 22.80 -6.51 -25.86
CA ALA A 254 23.13 -7.72 -26.60
C ALA A 254 24.61 -7.94 -26.80
N ASP A 255 25.33 -6.92 -27.27
CA ASP A 255 26.75 -7.06 -27.52
C ASP A 255 27.69 -6.73 -26.38
N ILE A 256 27.16 -6.64 -25.17
CA ILE A 256 28.00 -6.32 -24.02
C ILE A 256 28.42 -7.58 -23.28
N PRO A 257 29.72 -7.91 -23.30
CA PRO A 257 30.15 -9.13 -22.59
C PRO A 257 29.79 -9.03 -21.13
N GLY A 258 29.59 -10.17 -20.47
CA GLY A 258 29.26 -10.15 -19.07
C GLY A 258 29.23 -11.52 -18.43
N VAL A 259 29.02 -11.54 -17.12
CA VAL A 259 28.96 -12.77 -16.36
C VAL A 259 27.83 -12.64 -15.34
N ILE A 260 26.97 -13.66 -15.28
CA ILE A 260 25.85 -13.68 -14.36
C ILE A 260 26.17 -14.76 -13.34
N VAL A 261 26.36 -14.38 -12.11
CA VAL A 261 26.71 -15.31 -11.05
C VAL A 261 25.52 -15.34 -10.14
N HIS A 262 24.92 -16.51 -9.95
CA HIS A 262 23.75 -16.57 -9.08
C HIS A 262 23.80 -17.82 -8.21
N GLY A 263 23.39 -17.71 -6.95
CA GLY A 263 23.39 -18.87 -6.07
C GLY A 263 22.11 -19.69 -6.15
N ARG A 264 22.23 -21.00 -6.39
CA ARG A 264 21.07 -21.87 -6.49
C ARG A 264 20.05 -21.69 -5.36
N TYR A 265 20.53 -21.56 -4.14
CA TYR A 265 19.62 -21.41 -3.01
C TYR A 265 19.44 -19.97 -2.55
N ASP A 266 19.50 -19.07 -3.52
CA ASP A 266 19.29 -17.65 -3.30
C ASP A 266 17.78 -17.46 -3.04
N VAL A 267 17.39 -17.30 -1.77
CA VAL A 267 15.97 -17.12 -1.45
C VAL A 267 15.53 -15.64 -1.40
N VAL A 268 16.44 -14.71 -1.72
CA VAL A 268 16.12 -13.28 -1.73
C VAL A 268 15.77 -12.85 -3.16
N CYS A 269 16.46 -13.43 -4.13
CA CYS A 269 16.22 -13.19 -5.54
C CYS A 269 16.40 -14.56 -6.21
N PRO A 270 15.30 -15.34 -6.31
CA PRO A 270 15.26 -16.67 -6.90
C PRO A 270 16.02 -16.78 -8.20
N LEU A 271 16.62 -17.95 -8.44
CA LEU A 271 17.38 -18.19 -9.67
C LEU A 271 16.54 -17.89 -10.91
N GLN A 272 15.23 -17.83 -10.71
CA GLN A 272 14.29 -17.58 -11.79
C GLN A 272 14.74 -16.44 -12.69
N SER A 273 14.99 -15.30 -12.05
CA SER A 273 15.40 -14.07 -12.72
C SER A 273 16.73 -14.15 -13.44
N ALA A 274 17.71 -14.81 -12.82
CA ALA A 274 19.01 -15.00 -13.47
C ALA A 274 18.75 -15.85 -14.70
N TRP A 275 17.84 -16.82 -14.58
CA TRP A 275 17.47 -17.72 -15.69
C TRP A 275 16.85 -16.94 -16.87
N ASP A 276 15.89 -16.07 -16.58
CA ASP A 276 15.25 -15.27 -17.63
C ASP A 276 16.20 -14.23 -18.26
N LEU A 277 17.05 -13.61 -17.45
CA LEU A 277 18.00 -12.63 -18.01
C LEU A 277 18.84 -13.38 -19.01
N HIS A 278 19.43 -14.46 -18.54
CA HIS A 278 20.27 -15.30 -19.35
C HIS A 278 19.65 -15.69 -20.70
N LYS A 279 18.33 -15.95 -20.72
CA LYS A 279 17.63 -16.33 -21.96
C LYS A 279 17.57 -15.12 -22.89
N ALA A 280 17.36 -13.95 -22.28
CA ALA A 280 17.25 -12.67 -23.00
C ALA A 280 18.57 -12.04 -23.46
N TRP A 281 19.65 -12.34 -22.75
CA TRP A 281 20.99 -11.82 -23.03
C TRP A 281 21.92 -13.04 -23.06
N PRO A 282 21.89 -13.81 -24.16
CA PRO A 282 22.68 -15.02 -24.37
C PRO A 282 24.20 -14.88 -24.24
N LYS A 283 24.76 -13.77 -24.73
CA LYS A 283 26.22 -13.57 -24.68
C LYS A 283 26.87 -13.69 -23.31
N ALA A 284 26.13 -13.44 -22.24
CA ALA A 284 26.71 -13.52 -20.91
C ALA A 284 26.88 -14.96 -20.51
N GLN A 285 27.78 -15.22 -19.55
CA GLN A 285 27.97 -16.57 -19.08
C GLN A 285 27.18 -16.71 -17.80
N LEU A 286 26.36 -17.74 -17.71
CA LEU A 286 25.62 -17.97 -16.48
C LEU A 286 26.51 -18.91 -15.68
N GLN A 287 26.66 -18.60 -14.40
CA GLN A 287 27.44 -19.41 -13.52
C GLN A 287 26.61 -19.50 -12.27
N ILE A 288 26.04 -20.69 -12.07
CA ILE A 288 25.19 -20.96 -10.92
C ILE A 288 26.05 -21.54 -9.82
N SER A 289 25.91 -21.02 -8.61
CA SER A 289 26.66 -21.52 -7.49
C SER A 289 25.84 -22.59 -6.82
N PRO A 290 26.30 -23.85 -6.92
CA PRO A 290 25.72 -25.07 -6.38
C PRO A 290 25.09 -25.00 -5.01
N ALA A 291 25.87 -24.63 -4.00
CA ALA A 291 25.39 -24.57 -2.63
C ALA A 291 25.51 -23.19 -2.00
N SER A 292 25.24 -22.15 -2.79
CA SER A 292 25.35 -20.77 -2.30
C SER A 292 24.03 -20.01 -2.24
N GLY A 293 24.00 -18.97 -1.40
CA GLY A 293 22.82 -18.13 -1.23
C GLY A 293 22.86 -16.81 -2.03
N HIS A 294 22.28 -15.76 -1.45
CA HIS A 294 22.21 -14.45 -2.12
C HIS A 294 23.52 -13.65 -2.13
N SER A 295 24.02 -13.35 -0.94
CA SER A 295 25.23 -12.57 -0.74
C SER A 295 26.44 -12.87 -1.64
N ALA A 296 27.19 -11.83 -2.00
CA ALA A 296 28.35 -11.98 -2.88
C ALA A 296 29.54 -12.54 -2.12
N PHE A 297 29.41 -12.59 -0.81
CA PHE A 297 30.46 -13.09 0.05
C PHE A 297 30.29 -14.56 0.40
N GLU A 298 29.70 -15.29 -0.55
CA GLU A 298 29.48 -16.72 -0.42
C GLU A 298 30.67 -17.25 -1.20
N PRO A 299 31.48 -18.12 -0.57
CA PRO A 299 32.68 -18.74 -1.12
C PRO A 299 32.63 -19.05 -2.60
N GLU A 300 31.55 -19.64 -3.04
CA GLU A 300 31.43 -19.98 -4.46
C GLU A 300 31.17 -18.74 -5.30
N ASN A 301 30.47 -17.77 -4.71
CA ASN A 301 30.13 -16.52 -5.40
C ASN A 301 31.37 -15.68 -5.55
N VAL A 302 32.12 -15.55 -4.46
CA VAL A 302 33.37 -14.80 -4.45
C VAL A 302 34.32 -15.38 -5.50
N ASP A 303 34.40 -16.70 -5.54
CA ASP A 303 35.25 -17.38 -6.50
C ASP A 303 34.85 -16.99 -7.92
N ALA A 304 33.56 -17.14 -8.24
CA ALA A 304 33.04 -16.84 -9.59
C ALA A 304 33.28 -15.39 -10.01
N LEU A 305 33.08 -14.48 -9.06
CA LEU A 305 33.27 -13.03 -9.26
C LEU A 305 34.74 -12.68 -9.51
N VAL A 306 35.60 -13.02 -8.56
CA VAL A 306 37.03 -12.78 -8.71
C VAL A 306 37.56 -13.33 -10.04
N ARG A 307 37.15 -14.55 -10.41
CA ARG A 307 37.59 -15.12 -11.68
C ARG A 307 37.10 -14.30 -12.86
N ALA A 308 35.87 -13.78 -12.73
CA ALA A 308 35.22 -12.97 -13.77
C ALA A 308 35.98 -11.67 -13.97
N THR A 309 36.28 -11.05 -12.84
CA THR A 309 37.03 -9.80 -12.76
C THR A 309 38.39 -9.99 -13.44
N ASP A 310 39.14 -11.02 -13.03
CA ASP A 310 40.43 -11.30 -13.61
C ASP A 310 40.35 -11.63 -15.08
N GLY A 311 39.27 -12.26 -15.49
CA GLY A 311 39.11 -12.62 -16.89
C GLY A 311 38.99 -11.42 -17.81
N PHE A 312 38.43 -10.34 -17.29
CA PHE A 312 38.25 -9.13 -18.06
C PHE A 312 39.39 -8.12 -17.90
N ALA A 313 40.18 -8.29 -16.84
CA ALA A 313 41.31 -7.41 -16.52
C ALA A 313 42.33 -7.25 -17.65
N MET B 1 -45.95 -0.68 -3.43
CA MET B 1 -44.53 -0.28 -3.18
C MET B 1 -44.45 1.09 -2.50
N ARG B 2 -43.96 1.11 -1.28
CA ARG B 2 -43.81 2.32 -0.47
C ARG B 2 -42.79 3.28 -1.05
N THR B 3 -42.84 4.53 -0.60
CA THR B 3 -41.89 5.54 -1.07
C THR B 3 -41.39 6.34 0.11
N LEU B 4 -40.42 7.22 -0.14
CA LEU B 4 -39.87 8.04 0.92
C LEU B 4 -40.97 9.00 1.39
N TYR B 5 -41.00 9.26 2.70
CA TYR B 5 -41.97 10.22 3.23
C TYR B 5 -41.62 11.56 2.58
N PRO B 6 -42.49 12.58 2.73
CA PRO B 6 -42.21 13.89 2.12
C PRO B 6 -41.01 14.66 2.67
N GLU B 7 -40.46 15.53 1.83
CA GLU B 7 -39.31 16.35 2.17
C GLU B 7 -39.53 17.02 3.51
N ILE B 8 -38.55 16.93 4.39
CA ILE B 8 -38.69 17.54 5.70
C ILE B 8 -37.44 18.35 6.04
N THR B 9 -37.57 19.21 7.03
CA THR B 9 -36.49 20.08 7.46
C THR B 9 -36.31 19.85 8.97
N PRO B 10 -35.04 19.80 9.42
CA PRO B 10 -34.74 19.59 10.83
C PRO B 10 -35.32 20.65 11.74
N TYR B 11 -35.93 20.22 12.84
CA TYR B 11 -36.48 21.16 13.80
C TYR B 11 -35.37 21.63 14.72
N GLN B 12 -34.18 21.05 14.58
CA GLN B 12 -33.04 21.41 15.39
C GLN B 12 -31.79 21.02 14.60
N GLN B 13 -30.77 21.86 14.67
CA GLN B 13 -29.48 21.64 13.99
C GLN B 13 -28.45 22.08 15.00
N GLY B 14 -27.24 21.52 14.94
CA GLY B 14 -26.24 21.91 15.92
C GLY B 14 -24.82 21.46 15.64
N SER B 15 -24.02 21.43 16.70
CA SER B 15 -22.63 21.00 16.61
C SER B 15 -22.21 20.40 17.93
N LEU B 16 -21.38 19.36 17.86
CA LEU B 16 -20.91 18.68 19.05
C LEU B 16 -19.40 18.55 19.00
N LYS B 17 -18.71 19.15 19.97
CA LYS B 17 -17.26 19.06 20.04
C LYS B 17 -16.94 17.72 20.70
N VAL B 18 -16.60 16.73 19.88
CA VAL B 18 -16.28 15.40 20.38
C VAL B 18 -14.91 15.31 21.04
N ASP B 19 -13.95 16.05 20.51
CA ASP B 19 -12.62 16.11 21.09
C ASP B 19 -12.06 17.51 20.78
N ASP B 20 -10.83 17.80 21.20
CA ASP B 20 -10.25 19.13 20.96
C ASP B 20 -9.94 19.45 19.49
N ARG B 21 -10.44 18.63 18.56
CA ARG B 21 -10.15 18.86 17.15
C ARG B 21 -11.32 18.65 16.19
N HIS B 22 -12.22 17.75 16.56
CA HIS B 22 -13.36 17.42 15.71
C HIS B 22 -14.66 17.97 16.25
N THR B 23 -15.41 18.61 15.37
CA THR B 23 -16.72 19.17 15.70
C THR B 23 -17.70 18.59 14.70
N LEU B 24 -18.61 17.78 15.22
CA LEU B 24 -19.61 17.12 14.39
C LEU B 24 -20.88 17.92 14.21
N TYR B 25 -21.46 17.81 13.03
CA TYR B 25 -22.70 18.49 12.72
C TYR B 25 -23.85 17.50 12.93
N PHE B 26 -24.86 17.86 13.70
CA PHE B 26 -26.01 16.97 13.87
C PHE B 26 -27.30 17.73 13.69
N GLU B 27 -28.39 16.99 13.54
CA GLU B 27 -29.69 17.59 13.34
C GLU B 27 -30.77 16.61 13.71
N GLN B 28 -31.95 17.11 14.03
CA GLN B 28 -33.06 16.23 14.37
C GLN B 28 -34.29 16.57 13.51
N CYS B 29 -35.04 15.54 13.11
CA CYS B 29 -36.25 15.71 12.31
C CYS B 29 -37.35 14.89 12.94
N GLY B 30 -38.58 15.14 12.49
CA GLY B 30 -39.73 14.42 12.99
C GLY B 30 -40.24 14.78 14.36
N ASN B 31 -40.95 13.85 14.96
CA ASN B 31 -41.55 14.02 16.27
C ASN B 31 -40.50 14.03 17.38
N PRO B 32 -40.29 15.20 18.02
CA PRO B 32 -39.33 15.39 19.09
C PRO B 32 -39.57 14.42 20.25
N HIS B 33 -40.74 13.82 20.29
CA HIS B 33 -41.07 12.89 21.36
C HIS B 33 -41.32 11.49 20.81
N GLY B 34 -40.99 11.30 19.54
CA GLY B 34 -41.19 10.00 18.90
C GLY B 34 -40.08 9.01 19.19
N LYS B 35 -40.20 7.82 18.60
CA LYS B 35 -39.22 6.75 18.76
C LYS B 35 -37.86 7.21 18.20
N PRO B 36 -36.82 7.25 19.06
CA PRO B 36 -35.48 7.67 18.64
C PRO B 36 -34.75 6.72 17.65
N VAL B 37 -34.06 7.32 16.67
CA VAL B 37 -33.31 6.57 15.66
C VAL B 37 -32.10 7.41 15.19
N VAL B 38 -30.92 6.79 15.12
CA VAL B 38 -29.71 7.47 14.64
C VAL B 38 -29.34 6.98 13.24
N MET B 39 -29.18 7.93 12.33
CA MET B 39 -28.86 7.65 10.95
C MET B 39 -27.35 7.59 10.72
N LEU B 40 -26.86 6.46 10.23
CA LEU B 40 -25.44 6.31 9.95
C LEU B 40 -25.23 6.28 8.43
N HIS B 41 -24.62 7.33 7.90
CA HIS B 41 -24.37 7.41 6.46
C HIS B 41 -23.27 6.42 6.04
N GLY B 42 -23.13 6.25 4.73
CA GLY B 42 -22.14 5.35 4.18
C GLY B 42 -20.82 6.01 3.93
N GLY B 43 -20.07 5.46 2.97
CA GLY B 43 -18.75 5.97 2.64
C GLY B 43 -17.70 4.94 3.06
N PRO B 44 -16.99 5.14 4.20
CA PRO B 44 -17.11 6.29 5.12
C PRO B 44 -16.67 7.64 4.53
N GLY B 45 -17.09 8.72 5.17
CA GLY B 45 -16.77 10.07 4.70
C GLY B 45 -17.78 10.63 3.71
N GLY B 46 -18.99 10.06 3.66
CA GLY B 46 -19.99 10.55 2.73
C GLY B 46 -20.86 11.68 3.26
N GLY B 47 -21.22 11.61 4.53
CA GLY B 47 -22.08 12.62 5.14
C GLY B 47 -23.54 12.34 4.81
N CYS B 48 -24.44 12.78 5.68
CA CYS B 48 -25.86 12.56 5.44
C CYS B 48 -26.38 13.52 4.40
N ASN B 49 -27.52 13.20 3.82
CA ASN B 49 -28.12 14.09 2.84
C ASN B 49 -29.57 14.34 3.27
N ASP B 50 -30.29 15.17 2.54
CA ASP B 50 -31.68 15.47 2.90
C ASP B 50 -32.57 14.23 2.77
N LYS B 51 -32.34 13.44 1.71
CA LYS B 51 -33.12 12.23 1.45
C LYS B 51 -33.10 11.24 2.60
N MET B 52 -32.02 11.25 3.37
CA MET B 52 -31.90 10.35 4.50
C MET B 52 -32.86 10.67 5.64
N ARG B 53 -33.54 11.81 5.58
CA ARG B 53 -34.50 12.19 6.63
C ARG B 53 -35.88 11.54 6.40
N ARG B 54 -36.09 11.10 5.16
CA ARG B 54 -37.35 10.52 4.71
C ARG B 54 -37.60 9.00 4.82
N PHE B 55 -36.77 8.27 5.56
CA PHE B 55 -36.98 6.84 5.67
C PHE B 55 -37.90 6.51 6.83
N HIS B 56 -38.11 7.49 7.71
CA HIS B 56 -38.95 7.28 8.91
C HIS B 56 -40.18 8.18 8.97
N ASP B 57 -41.28 7.65 9.52
CA ASP B 57 -42.52 8.42 9.68
C ASP B 57 -42.29 9.49 10.74
N PRO B 58 -42.27 10.77 10.32
CA PRO B 58 -42.04 11.92 11.20
C PRO B 58 -43.07 12.09 12.31
N ALA B 59 -44.13 11.30 12.25
CA ALA B 59 -45.15 11.36 13.29
C ALA B 59 -44.68 10.47 14.43
N LYS B 60 -44.16 9.29 14.09
CA LYS B 60 -43.69 8.30 15.07
C LYS B 60 -42.21 8.32 15.47
N TYR B 61 -41.35 8.91 14.64
CA TYR B 61 -39.91 8.91 14.92
C TYR B 61 -39.22 10.23 15.19
N ARG B 62 -38.24 10.19 16.09
CA ARG B 62 -37.39 11.33 16.42
C ARG B 62 -36.13 10.93 15.69
N ILE B 63 -36.01 11.41 14.46
CA ILE B 63 -34.89 11.07 13.60
C ILE B 63 -33.62 11.88 13.89
N VAL B 64 -32.58 11.21 14.37
CA VAL B 64 -31.30 11.90 14.64
C VAL B 64 -30.27 11.63 13.54
N LEU B 65 -29.70 12.67 12.93
CA LEU B 65 -28.68 12.50 11.90
C LEU B 65 -27.44 13.30 12.22
N PHE B 66 -26.30 12.91 11.65
CA PHE B 66 -25.06 13.63 11.87
C PHE B 66 -23.97 13.18 10.92
N ASP B 67 -23.02 14.07 10.70
CA ASP B 67 -21.89 13.81 9.82
C ASP B 67 -20.71 13.25 10.64
N GLN B 68 -20.10 12.20 10.10
CA GLN B 68 -18.99 11.53 10.76
C GLN B 68 -17.74 12.34 10.52
N ARG B 69 -16.81 12.27 11.47
CA ARG B 69 -15.54 13.01 11.44
C ARG B 69 -14.98 13.29 10.04
N GLY B 70 -14.70 14.57 9.78
CA GLY B 70 -14.16 15.00 8.49
C GLY B 70 -15.11 14.82 7.33
N SER B 71 -16.34 14.42 7.62
CA SER B 71 -17.33 14.18 6.58
C SER B 71 -18.39 15.28 6.46
N GLY B 72 -18.67 15.71 5.24
CA GLY B 72 -19.68 16.71 4.99
C GLY B 72 -19.50 18.05 5.69
N ARG B 73 -20.40 18.33 6.62
CA ARG B 73 -20.35 19.58 7.34
C ARG B 73 -19.80 19.41 8.75
N SER B 74 -18.86 18.50 8.90
CA SER B 74 -18.19 18.30 10.17
C SER B 74 -16.74 18.76 9.94
N THR B 75 -16.09 19.25 10.99
CA THR B 75 -14.73 19.79 10.87
C THR B 75 -13.70 19.15 11.78
N PRO B 76 -12.43 19.09 11.34
CA PRO B 76 -11.98 19.60 10.04
C PRO B 76 -12.28 18.65 8.89
N HIS B 77 -12.87 19.21 7.84
CA HIS B 77 -13.25 18.47 6.67
C HIS B 77 -12.10 17.59 6.18
N ALA B 78 -12.43 16.39 5.70
CA ALA B 78 -11.44 15.44 5.18
C ALA B 78 -10.28 15.12 6.13
N ASP B 79 -10.48 15.30 7.42
CA ASP B 79 -9.40 15.02 8.35
C ASP B 79 -9.22 13.51 8.64
N LEU B 80 -7.97 13.05 8.57
CA LEU B 80 -7.64 11.66 8.82
C LEU B 80 -6.99 11.43 10.19
N VAL B 81 -6.91 12.48 11.01
CA VAL B 81 -6.32 12.35 12.33
C VAL B 81 -7.41 11.95 13.29
N ASP B 82 -7.17 10.90 14.07
CA ASP B 82 -8.16 10.41 15.01
C ASP B 82 -9.52 10.13 14.36
N ASN B 83 -9.48 9.67 13.11
CA ASN B 83 -10.68 9.32 12.35
C ASN B 83 -10.57 7.81 12.19
N THR B 84 -11.12 7.12 13.19
CA THR B 84 -11.08 5.67 13.32
C THR B 84 -12.43 5.06 13.74
N THR B 85 -12.68 3.82 13.34
CA THR B 85 -13.90 3.12 13.68
C THR B 85 -14.30 3.26 15.15
N TRP B 86 -13.37 3.03 16.07
CA TRP B 86 -13.71 3.09 17.49
C TRP B 86 -13.93 4.48 18.00
N ASP B 87 -13.48 5.47 17.22
CA ASP B 87 -13.67 6.88 17.55
C ASP B 87 -15.12 7.16 17.17
N LEU B 88 -15.51 6.78 15.95
CA LEU B 88 -16.89 6.97 15.47
C LEU B 88 -17.88 6.22 16.37
N VAL B 89 -17.46 5.10 16.93
CA VAL B 89 -18.38 4.35 17.79
C VAL B 89 -18.54 5.13 19.10
N ALA B 90 -17.47 5.78 19.54
CA ALA B 90 -17.54 6.54 20.78
C ALA B 90 -18.39 7.81 20.54
N ASP B 91 -18.24 8.42 19.37
CA ASP B 91 -19.01 9.63 19.01
C ASP B 91 -20.50 9.35 19.12
N ILE B 92 -20.96 8.25 18.51
CA ILE B 92 -22.37 7.85 18.56
C ILE B 92 -22.87 7.85 19.99
N GLU B 93 -22.01 7.47 20.92
CA GLU B 93 -22.33 7.44 22.33
C GLU B 93 -22.34 8.83 22.96
N ARG B 94 -21.45 9.71 22.47
CA ARG B 94 -21.36 11.07 22.97
C ARG B 94 -22.63 11.82 22.57
N LEU B 95 -23.07 11.58 21.34
CA LEU B 95 -24.29 12.16 20.80
C LEU B 95 -25.47 11.67 21.64
N ARG B 96 -25.62 10.35 21.69
CA ARG B 96 -26.69 9.69 22.42
C ARG B 96 -26.81 10.24 23.82
N THR B 97 -25.70 10.21 24.53
CA THR B 97 -25.64 10.69 25.88
C THR B 97 -26.01 12.19 25.94
N HIS B 98 -25.54 12.94 24.95
CA HIS B 98 -25.80 14.37 24.86
C HIS B 98 -27.26 14.71 24.61
N LEU B 99 -27.93 13.94 23.76
CA LEU B 99 -29.34 14.19 23.46
C LEU B 99 -30.30 13.57 24.49
N GLY B 100 -29.76 12.94 25.53
CA GLY B 100 -30.61 12.37 26.55
C GLY B 100 -31.34 11.07 26.29
N VAL B 101 -31.06 10.40 25.17
CA VAL B 101 -31.73 9.12 24.87
C VAL B 101 -30.97 7.98 25.54
N ASP B 102 -31.69 6.94 25.96
CA ASP B 102 -31.08 5.77 26.61
C ASP B 102 -30.82 4.68 25.59
N ARG B 103 -31.82 4.38 24.78
CA ARG B 103 -31.72 3.36 23.73
C ARG B 103 -32.29 3.98 22.46
N TRP B 104 -31.89 3.46 21.30
CA TRP B 104 -32.39 3.94 20.02
C TRP B 104 -32.15 2.99 18.85
N GLN B 105 -32.97 3.13 17.83
CA GLN B 105 -32.89 2.32 16.62
C GLN B 105 -31.69 2.77 15.81
N VAL B 106 -30.88 1.85 15.31
CA VAL B 106 -29.72 2.22 14.51
C VAL B 106 -30.02 1.87 13.05
N PHE B 107 -30.01 2.88 12.18
CA PHE B 107 -30.31 2.70 10.76
C PHE B 107 -29.03 3.00 10.00
N GLY B 108 -28.59 2.05 9.17
CA GLY B 108 -27.37 2.24 8.40
C GLY B 108 -27.23 1.39 7.15
N GLY B 109 -26.62 1.97 6.13
CA GLY B 109 -26.42 1.27 4.88
C GLY B 109 -24.98 1.44 4.41
N SER B 110 -24.51 0.49 3.60
CA SER B 110 -23.13 0.53 3.08
C SER B 110 -22.24 0.62 4.32
N TRP B 111 -21.28 1.54 4.35
CA TRP B 111 -20.42 1.70 5.53
C TRP B 111 -21.29 1.89 6.77
N GLY B 112 -22.48 2.45 6.58
CA GLY B 112 -23.39 2.65 7.68
C GLY B 112 -23.66 1.33 8.37
N SER B 113 -23.81 0.25 7.59
CA SER B 113 -24.07 -1.07 8.20
C SER B 113 -22.87 -1.56 8.99
N THR B 114 -21.67 -1.26 8.48
CA THR B 114 -20.43 -1.64 9.14
C THR B 114 -20.40 -0.93 10.49
N LEU B 115 -20.71 0.37 10.50
CA LEU B 115 -20.69 1.14 11.75
C LEU B 115 -21.79 0.70 12.69
N ALA B 116 -22.97 0.39 12.14
CA ALA B 116 -24.09 -0.04 12.97
C ALA B 116 -23.76 -1.32 13.71
N LEU B 117 -23.13 -2.26 12.99
CA LEU B 117 -22.74 -3.54 13.56
C LEU B 117 -21.66 -3.33 14.60
N ALA B 118 -20.60 -2.59 14.25
CA ALA B 118 -19.50 -2.32 15.21
C ALA B 118 -20.08 -1.68 16.47
N TYR B 119 -20.92 -0.66 16.29
CA TYR B 119 -21.56 0.03 17.40
C TYR B 119 -22.42 -0.90 18.26
N ALA B 120 -23.33 -1.63 17.62
CA ALA B 120 -24.24 -2.55 18.31
C ALA B 120 -23.52 -3.65 19.08
N GLN B 121 -22.42 -4.16 18.51
CA GLN B 121 -21.62 -5.19 19.13
C GLN B 121 -20.80 -4.64 20.28
N THR B 122 -20.57 -3.33 20.28
CA THR B 122 -19.85 -2.68 21.35
C THR B 122 -20.85 -2.24 22.41
N HIS B 123 -22.02 -1.81 21.96
CA HIS B 123 -23.08 -1.34 22.87
C HIS B 123 -24.46 -1.88 22.49
N PRO B 124 -24.72 -3.16 22.81
CA PRO B 124 -25.98 -3.86 22.53
C PRO B 124 -27.19 -3.25 23.22
N GLN B 125 -27.03 -2.95 24.49
CA GLN B 125 -28.08 -2.38 25.32
C GLN B 125 -28.63 -1.01 24.96
N GLN B 126 -28.02 -0.30 24.02
CA GLN B 126 -28.52 1.02 23.63
C GLN B 126 -29.11 0.93 22.24
N VAL B 127 -29.25 -0.29 21.72
CA VAL B 127 -29.79 -0.49 20.38
C VAL B 127 -31.13 -1.21 20.44
N THR B 128 -32.18 -0.59 19.93
CA THR B 128 -33.51 -1.23 19.96
C THR B 128 -33.72 -2.19 18.79
N GLU B 129 -33.35 -1.73 17.60
CA GLU B 129 -33.45 -2.53 16.38
C GLU B 129 -32.34 -2.05 15.47
N LEU B 130 -32.05 -2.84 14.44
CA LEU B 130 -31.02 -2.51 13.46
C LEU B 130 -31.67 -2.61 12.10
N VAL B 131 -31.57 -1.56 11.30
CA VAL B 131 -32.15 -1.56 9.96
C VAL B 131 -30.97 -1.38 8.96
N LEU B 132 -30.42 -2.52 8.55
CA LEU B 132 -29.25 -2.51 7.68
C LEU B 132 -29.55 -2.68 6.21
N ARG B 133 -28.73 -2.05 5.37
CA ARG B 133 -28.86 -2.11 3.92
C ARG B 133 -27.47 -2.17 3.28
N GLY B 134 -27.34 -2.90 2.17
CA GLY B 134 -26.06 -2.99 1.49
C GLY B 134 -24.93 -3.28 2.45
N ILE B 135 -25.05 -4.43 3.11
CA ILE B 135 -24.08 -4.91 4.09
C ILE B 135 -22.62 -4.92 3.59
N PHE B 136 -21.74 -4.40 4.44
CA PHE B 136 -20.32 -4.28 4.16
C PHE B 136 -19.69 -4.78 5.44
N LEU B 137 -18.94 -5.87 5.33
CA LEU B 137 -18.30 -6.43 6.51
C LEU B 137 -16.81 -6.08 6.62
N LEU B 138 -16.28 -5.43 5.58
CA LEU B 138 -14.88 -4.99 5.51
C LEU B 138 -13.81 -6.08 5.57
N ARG B 139 -14.15 -7.27 5.09
CA ARG B 139 -13.19 -8.38 5.05
C ARG B 139 -12.41 -8.04 3.79
N ARG B 140 -11.12 -8.36 3.75
CA ARG B 140 -10.33 -8.01 2.58
C ARG B 140 -10.86 -8.43 1.23
N PHE B 141 -11.53 -9.58 1.14
CA PHE B 141 -12.01 -10.01 -0.18
C PHE B 141 -13.08 -9.04 -0.72
N GLU B 142 -13.83 -8.43 0.19
CA GLU B 142 -14.84 -7.45 -0.16
C GLU B 142 -14.14 -6.20 -0.74
N LEU B 143 -13.19 -5.67 0.02
CA LEU B 143 -12.42 -4.52 -0.43
C LEU B 143 -11.83 -4.82 -1.81
N GLU B 144 -11.13 -5.95 -1.93
CA GLU B 144 -10.52 -6.31 -3.19
C GLU B 144 -11.49 -6.52 -4.33
N TRP B 145 -12.69 -7.00 -4.02
CA TRP B 145 -13.72 -7.25 -5.02
C TRP B 145 -14.02 -5.95 -5.75
N PHE B 146 -14.28 -4.90 -4.97
CA PHE B 146 -14.60 -3.60 -5.53
C PHE B 146 -13.42 -2.84 -6.14
N TYR B 147 -12.35 -2.68 -5.36
CA TYR B 147 -11.17 -1.93 -5.74
C TYR B 147 -9.99 -2.57 -6.45
N GLN B 148 -9.93 -3.90 -6.50
CA GLN B 148 -8.81 -4.58 -7.14
C GLN B 148 -9.24 -5.39 -8.36
N GLU B 149 -10.25 -6.24 -8.16
CA GLU B 149 -10.80 -7.06 -9.24
C GLU B 149 -12.09 -7.70 -8.76
N GLY B 150 -13.14 -7.67 -9.60
CA GLY B 150 -14.44 -8.23 -9.22
C GLY B 150 -15.50 -7.49 -10.01
N ALA B 151 -16.00 -6.37 -9.47
CA ALA B 151 -16.99 -5.53 -10.18
C ALA B 151 -16.42 -5.01 -11.51
N SER B 152 -15.10 -5.02 -11.62
CA SER B 152 -14.42 -4.59 -12.82
C SER B 152 -14.88 -5.38 -14.01
N ARG B 153 -15.32 -6.62 -13.77
CA ARG B 153 -15.75 -7.50 -14.85
C ARG B 153 -17.10 -7.11 -15.45
N LEU B 154 -17.97 -6.59 -14.59
CA LEU B 154 -19.29 -6.15 -15.02
C LEU B 154 -19.23 -4.70 -15.55
N PHE B 155 -18.34 -3.88 -14.97
CA PHE B 155 -18.19 -2.50 -15.38
C PHE B 155 -16.82 -2.23 -15.98
N PRO B 156 -16.47 -2.90 -17.09
CA PRO B 156 -15.15 -2.72 -17.74
C PRO B 156 -14.98 -1.28 -18.19
N ASP B 157 -15.98 -0.78 -18.89
CA ASP B 157 -15.99 0.58 -19.41
C ASP B 157 -15.66 1.65 -18.38
N ALA B 158 -16.28 1.56 -17.20
CA ALA B 158 -16.03 2.52 -16.14
C ALA B 158 -14.69 2.24 -15.49
N TRP B 159 -14.36 0.96 -15.33
CA TRP B 159 -13.12 0.50 -14.71
C TRP B 159 -11.88 1.13 -15.36
N GLU B 160 -11.90 1.26 -16.68
CA GLU B 160 -10.77 1.86 -17.36
C GLU B 160 -10.38 3.21 -16.79
N HIS B 161 -11.38 3.98 -16.35
CA HIS B 161 -11.12 5.31 -15.79
C HIS B 161 -10.48 5.24 -14.43
N TYR B 162 -10.92 4.30 -13.61
CA TYR B 162 -10.35 4.12 -12.26
C TYR B 162 -8.88 3.69 -12.43
N LEU B 163 -8.66 2.71 -13.29
CA LEU B 163 -7.33 2.20 -13.57
C LEU B 163 -6.35 3.27 -14.05
N ASN B 164 -6.75 4.07 -15.03
CA ASN B 164 -5.87 5.10 -15.60
C ASN B 164 -5.28 6.09 -14.63
N ALA B 165 -5.91 6.23 -13.47
CA ALA B 165 -5.41 7.13 -12.45
C ALA B 165 -4.12 6.63 -11.80
N ILE B 166 -3.74 5.38 -12.05
CA ILE B 166 -2.57 4.71 -11.45
C ILE B 166 -1.62 4.20 -12.54
N PRO B 167 -0.30 4.41 -12.41
CA PRO B 167 0.61 3.91 -13.45
C PRO B 167 0.67 2.38 -13.40
N PRO B 168 0.80 1.73 -14.57
CA PRO B 168 0.87 0.28 -14.74
C PRO B 168 1.60 -0.50 -13.64
N VAL B 169 2.88 -0.18 -13.40
CA VAL B 169 3.68 -0.88 -12.39
C VAL B 169 3.22 -0.80 -10.94
N GLU B 170 2.23 0.05 -10.65
CA GLU B 170 1.70 0.17 -9.28
C GLU B 170 0.33 -0.46 -9.12
N ARG B 171 -0.21 -0.91 -10.27
CA ARG B 171 -1.52 -1.53 -10.42
C ARG B 171 -1.74 -2.90 -9.76
N ALA B 172 -0.77 -3.37 -8.99
CA ALA B 172 -0.88 -4.65 -8.32
C ALA B 172 -1.67 -4.57 -7.02
N ASP B 173 -1.56 -3.44 -6.33
CA ASP B 173 -2.38 -3.25 -5.13
C ASP B 173 -2.86 -1.82 -5.26
N LEU B 174 -3.93 -1.69 -6.03
CA LEU B 174 -4.60 -0.41 -6.33
C LEU B 174 -4.97 0.42 -5.07
N MET B 175 -5.47 -0.23 -4.04
CA MET B 175 -5.84 0.55 -2.86
C MET B 175 -4.68 1.34 -2.31
N SER B 176 -3.53 0.71 -2.11
CA SER B 176 -2.39 1.43 -1.57
C SER B 176 -1.85 2.42 -2.61
N ALA B 177 -1.93 2.07 -3.89
CA ALA B 177 -1.46 2.99 -4.91
C ALA B 177 -2.25 4.29 -4.80
N PHE B 178 -3.53 4.18 -4.48
CA PHE B 178 -4.38 5.35 -4.32
C PHE B 178 -4.04 6.06 -3.02
N HIS B 179 -3.77 5.31 -1.95
CA HIS B 179 -3.44 5.90 -0.66
C HIS B 179 -2.27 6.86 -0.75
N ARG B 180 -1.25 6.49 -1.51
CA ARG B 180 -0.08 7.33 -1.65
C ARG B 180 -0.43 8.67 -2.31
N ARG B 181 -1.36 8.66 -3.28
CA ARG B 181 -1.79 9.89 -3.94
C ARG B 181 -2.80 10.71 -3.09
N LEU B 182 -3.75 10.06 -2.45
CA LEU B 182 -4.72 10.76 -1.61
C LEU B 182 -4.06 11.33 -0.36
N THR B 183 -2.81 10.97 -0.16
CA THR B 183 -2.07 11.41 1.01
C THR B 183 -0.88 12.26 0.63
N SER B 184 -0.71 12.46 -0.67
CA SER B 184 0.37 13.28 -1.20
C SER B 184 0.29 14.69 -0.65
N ASP B 185 1.40 15.40 -0.71
CA ASP B 185 1.42 16.78 -0.25
C ASP B 185 0.87 17.65 -1.39
N ASP B 186 1.11 17.25 -2.63
CA ASP B 186 0.61 18.00 -3.79
C ASP B 186 -0.91 17.89 -3.94
N GLU B 187 -1.61 19.01 -3.76
CA GLU B 187 -3.07 19.12 -3.87
C GLU B 187 -3.64 18.67 -5.23
N ALA B 188 -2.93 18.94 -6.31
CA ALA B 188 -3.40 18.54 -7.64
C ALA B 188 -3.43 17.02 -7.70
N THR B 189 -2.33 16.42 -7.24
CA THR B 189 -2.11 14.99 -7.19
C THR B 189 -3.20 14.26 -6.40
N ARG B 190 -3.54 14.75 -5.22
CA ARG B 190 -4.55 14.05 -4.47
C ARG B 190 -5.96 14.29 -5.00
N LEU B 191 -6.12 15.35 -5.80
CA LEU B 191 -7.42 15.67 -6.37
C LEU B 191 -7.74 14.71 -7.51
N ALA B 192 -6.79 14.53 -8.42
CA ALA B 192 -6.95 13.62 -9.55
C ALA B 192 -7.31 12.20 -9.08
N ALA B 193 -6.65 11.76 -8.03
CA ALA B 193 -6.90 10.46 -7.46
C ALA B 193 -8.27 10.40 -6.79
N ALA B 194 -8.57 11.36 -5.92
CA ALA B 194 -9.86 11.40 -5.20
C ALA B 194 -11.07 11.42 -6.12
N LYS B 195 -10.95 12.07 -7.28
CA LYS B 195 -12.03 12.11 -8.25
C LYS B 195 -12.17 10.71 -8.89
N ALA B 196 -11.06 10.14 -9.33
CA ALA B 196 -11.07 8.81 -9.96
C ALA B 196 -11.71 7.77 -9.02
N TRP B 197 -11.23 7.74 -7.78
CA TRP B 197 -11.75 6.81 -6.78
C TRP B 197 -13.21 7.08 -6.44
N SER B 198 -13.59 8.35 -6.33
CA SER B 198 -14.97 8.70 -5.96
C SER B 198 -15.98 8.40 -7.07
N VAL B 199 -15.64 8.74 -8.31
CA VAL B 199 -16.51 8.48 -9.45
C VAL B 199 -16.88 6.99 -9.55
N TRP B 200 -15.87 6.11 -9.49
CA TRP B 200 -16.02 4.66 -9.56
C TRP B 200 -17.21 4.13 -8.73
N GLU B 201 -17.33 4.59 -7.49
CA GLU B 201 -18.44 4.17 -6.66
C GLU B 201 -19.71 4.79 -7.22
N GLY B 202 -19.60 6.02 -7.73
CA GLY B 202 -20.75 6.71 -8.30
C GLY B 202 -21.32 6.02 -9.53
N ALA B 203 -20.43 5.48 -10.34
CA ALA B 203 -20.80 4.78 -11.58
C ALA B 203 -21.35 3.38 -11.37
N THR B 204 -21.17 2.82 -10.17
CA THR B 204 -21.60 1.45 -9.90
C THR B 204 -22.54 1.24 -8.71
N SER B 205 -23.29 2.27 -8.32
CA SER B 205 -24.20 2.16 -7.18
C SER B 205 -25.70 1.95 -7.46
N PHE B 206 -26.07 1.86 -8.74
CA PHE B 206 -27.47 1.71 -9.13
C PHE B 206 -27.53 0.71 -10.25
N LEU B 207 -28.64 -0.02 -10.36
CA LEU B 207 -28.79 -1.02 -11.42
C LEU B 207 -28.70 -0.31 -12.76
N HIS B 208 -29.26 0.90 -12.79
CA HIS B 208 -29.24 1.74 -13.97
C HIS B 208 -28.33 2.88 -13.57
N VAL B 209 -27.35 3.19 -14.44
CA VAL B 209 -26.37 4.24 -14.20
C VAL B 209 -27.09 5.59 -14.05
N ASP B 210 -26.80 6.29 -12.95
CA ASP B 210 -27.43 7.58 -12.65
C ASP B 210 -26.44 8.71 -12.89
N GLU B 211 -26.57 9.37 -14.05
CA GLU B 211 -25.70 10.48 -14.47
C GLU B 211 -25.47 11.56 -13.41
N ASP B 212 -26.52 11.97 -12.72
CA ASP B 212 -26.38 13.01 -11.69
C ASP B 212 -25.57 12.52 -10.50
N PHE B 213 -25.72 11.24 -10.17
CA PHE B 213 -25.00 10.64 -9.05
C PHE B 213 -23.50 10.61 -9.40
N VAL B 214 -23.15 10.18 -10.62
CA VAL B 214 -21.75 10.13 -11.05
C VAL B 214 -21.14 11.50 -10.90
N THR B 215 -21.79 12.48 -11.54
CA THR B 215 -21.38 13.87 -11.53
C THR B 215 -21.25 14.46 -10.12
N GLY B 216 -22.24 14.23 -9.27
CA GLY B 216 -22.18 14.74 -7.91
C GLY B 216 -20.98 14.13 -7.19
N HIS B 217 -20.51 13.00 -7.73
CA HIS B 217 -19.39 12.28 -7.16
C HIS B 217 -18.02 12.77 -7.61
N GLU B 218 -17.98 13.56 -8.69
CA GLU B 218 -16.71 14.09 -9.10
C GLU B 218 -16.53 15.53 -8.64
N ASP B 219 -17.41 15.95 -7.73
CA ASP B 219 -17.36 17.29 -7.15
C ASP B 219 -16.16 17.35 -6.18
N ALA B 220 -15.11 18.06 -6.60
CA ALA B 220 -13.87 18.23 -5.83
C ALA B 220 -13.97 18.32 -4.30
N HIS B 221 -15.00 18.97 -3.77
CA HIS B 221 -15.12 19.09 -2.32
C HIS B 221 -15.63 17.79 -1.70
N PHE B 222 -16.49 17.08 -2.42
CA PHE B 222 -17.04 15.80 -1.97
C PHE B 222 -15.95 14.76 -2.20
N ALA B 223 -15.49 14.68 -3.45
CA ALA B 223 -14.45 13.76 -3.83
C ALA B 223 -13.32 13.70 -2.79
N LEU B 224 -12.83 14.85 -2.36
CA LEU B 224 -11.75 14.91 -1.38
C LEU B 224 -11.97 14.20 -0.04
N ALA B 225 -13.08 14.42 0.63
CA ALA B 225 -13.29 13.78 1.91
C ALA B 225 -13.73 12.32 1.79
N PHE B 226 -14.46 12.02 0.72
CA PHE B 226 -14.99 10.68 0.44
C PHE B 226 -13.86 9.73 0.15
N ALA B 227 -13.08 10.03 -0.88
CA ALA B 227 -11.96 9.19 -1.27
C ALA B 227 -10.92 9.02 -0.17
N ARG B 228 -10.51 10.13 0.45
CA ARG B 228 -9.51 10.06 1.49
C ARG B 228 -9.95 9.26 2.71
N ILE B 229 -11.14 9.52 3.22
CA ILE B 229 -11.62 8.81 4.40
C ILE B 229 -11.97 7.35 4.09
N GLU B 230 -12.46 7.12 2.89
CA GLU B 230 -12.83 5.80 2.43
C GLU B 230 -11.55 4.98 2.37
N ASN B 231 -10.64 5.35 1.47
CA ASN B 231 -9.35 4.69 1.32
C ASN B 231 -8.60 4.53 2.66
N HIS B 232 -8.66 5.56 3.50
CA HIS B 232 -8.02 5.55 4.82
C HIS B 232 -8.50 4.36 5.63
N TYR B 233 -9.83 4.17 5.70
CA TYR B 233 -10.41 3.05 6.45
C TYR B 233 -10.15 1.67 5.85
N PHE B 234 -10.11 1.62 4.52
CA PHE B 234 -9.87 0.36 3.84
C PHE B 234 -8.43 -0.14 3.99
N VAL B 235 -7.47 0.72 3.70
CA VAL B 235 -6.04 0.44 3.81
C VAL B 235 -5.65 -0.05 5.24
N ASN B 236 -6.36 0.44 6.24
CA ASN B 236 -6.10 0.04 7.62
C ASN B 236 -7.01 -1.10 8.05
N GLY B 237 -7.83 -1.60 7.13
CA GLY B 237 -8.74 -2.71 7.43
C GLY B 237 -9.78 -2.44 8.49
N GLY B 238 -10.34 -1.24 8.47
CA GLY B 238 -11.39 -0.85 9.40
C GLY B 238 -10.96 -0.76 10.84
N PHE B 239 -9.67 -0.92 11.08
CA PHE B 239 -9.13 -0.85 12.44
C PHE B 239 -9.65 -2.02 13.29
N PHE B 240 -10.06 -3.11 12.64
CA PHE B 240 -10.58 -4.29 13.37
C PHE B 240 -9.39 -5.07 13.91
N GLU B 241 -9.62 -5.89 14.94
CA GLU B 241 -8.59 -6.73 15.54
C GLU B 241 -8.31 -7.85 14.57
N VAL B 242 -9.37 -8.33 13.95
CA VAL B 242 -9.27 -9.40 12.99
C VAL B 242 -10.30 -9.20 11.87
N GLU B 243 -9.88 -9.41 10.64
CA GLU B 243 -10.70 -9.26 9.43
C GLU B 243 -12.18 -9.63 9.52
N ASP B 244 -12.48 -10.75 10.17
CA ASP B 244 -13.87 -11.22 10.30
C ASP B 244 -14.51 -10.88 11.64
N GLN B 245 -14.06 -9.80 12.26
CA GLN B 245 -14.55 -9.38 13.57
C GLN B 245 -16.05 -9.15 13.70
N LEU B 246 -16.69 -8.62 12.67
CA LEU B 246 -18.13 -8.36 12.81
C LEU B 246 -18.91 -9.68 12.82
N LEU B 247 -18.41 -10.66 12.08
CA LEU B 247 -19.05 -11.96 12.06
C LEU B 247 -18.68 -12.66 13.38
N ARG B 248 -17.42 -12.58 13.77
CA ARG B 248 -16.93 -13.19 14.99
C ARG B 248 -17.72 -12.75 16.23
N ASP B 249 -18.09 -11.47 16.29
CA ASP B 249 -18.82 -10.94 17.44
C ASP B 249 -20.31 -10.80 17.21
N ALA B 250 -20.82 -11.35 16.12
CA ALA B 250 -22.25 -11.27 15.80
C ALA B 250 -23.15 -11.85 16.91
N HIS B 251 -22.59 -12.73 17.74
CA HIS B 251 -23.40 -13.30 18.81
C HIS B 251 -23.89 -12.24 19.81
N ARG B 252 -23.20 -11.10 19.90
CA ARG B 252 -23.63 -10.06 20.84
C ARG B 252 -24.92 -9.38 20.41
N ILE B 253 -25.25 -9.46 19.12
CA ILE B 253 -26.49 -8.85 18.64
C ILE B 253 -27.59 -9.89 18.38
N ALA B 254 -27.41 -11.09 18.94
CA ALA B 254 -28.34 -12.21 18.76
C ALA B 254 -29.81 -11.89 19.01
N ASP B 255 -30.08 -11.22 20.12
CA ASP B 255 -31.45 -10.87 20.48
C ASP B 255 -31.92 -9.50 20.01
N ILE B 256 -31.14 -8.87 19.13
CA ILE B 256 -31.51 -7.58 18.60
C ILE B 256 -32.25 -7.79 17.28
N PRO B 257 -33.55 -7.42 17.24
CA PRO B 257 -34.37 -7.57 16.04
C PRO B 257 -33.87 -6.64 14.96
N GLY B 258 -34.08 -7.00 13.70
CA GLY B 258 -33.61 -6.15 12.63
C GLY B 258 -33.90 -6.66 11.25
N VAL B 259 -33.67 -5.83 10.24
CA VAL B 259 -33.91 -6.21 8.87
C VAL B 259 -32.62 -6.00 8.10
N ILE B 260 -32.41 -6.85 7.09
CA ILE B 260 -31.23 -6.77 6.25
C ILE B 260 -31.77 -6.65 4.83
N VAL B 261 -31.70 -5.47 4.25
CA VAL B 261 -32.18 -5.29 2.89
C VAL B 261 -30.94 -5.23 2.02
N HIS B 262 -30.92 -5.95 0.91
CA HIS B 262 -29.75 -5.94 0.06
C HIS B 262 -30.16 -6.25 -1.37
N GLY B 263 -29.60 -5.52 -2.33
CA GLY B 263 -29.93 -5.75 -3.72
C GLY B 263 -29.12 -6.87 -4.35
N ARG B 264 -29.79 -7.77 -5.05
CA ARG B 264 -29.14 -8.88 -5.72
C ARG B 264 -27.99 -8.45 -6.62
N TYR B 265 -28.21 -7.40 -7.39
CA TYR B 265 -27.18 -6.94 -8.30
C TYR B 265 -26.32 -5.81 -7.77
N ASP B 266 -26.12 -5.83 -6.45
CA ASP B 266 -25.28 -4.89 -5.74
C ASP B 266 -23.82 -5.30 -6.02
N VAL B 267 -23.16 -4.58 -6.94
CA VAL B 267 -21.78 -4.86 -7.28
C VAL B 267 -20.73 -4.09 -6.43
N VAL B 268 -21.19 -3.28 -5.48
CA VAL B 268 -20.33 -2.48 -4.61
C VAL B 268 -20.03 -3.27 -3.35
N CYS B 269 -21.02 -4.03 -2.90
CA CYS B 269 -20.95 -4.89 -1.72
C CYS B 269 -21.79 -6.09 -2.12
N PRO B 270 -21.14 -7.16 -2.62
CA PRO B 270 -21.88 -8.35 -3.04
C PRO B 270 -22.81 -8.92 -1.97
N LEU B 271 -23.91 -9.52 -2.46
CA LEU B 271 -24.94 -10.14 -1.64
C LEU B 271 -24.33 -11.15 -0.65
N GLN B 272 -23.17 -11.66 -1.03
CA GLN B 272 -22.41 -12.60 -0.23
C GLN B 272 -22.36 -12.17 1.21
N SER B 273 -21.97 -10.92 1.44
CA SER B 273 -21.85 -10.44 2.82
C SER B 273 -23.16 -10.41 3.59
N ALA B 274 -24.26 -10.09 2.91
CA ALA B 274 -25.57 -10.07 3.58
C ALA B 274 -25.95 -11.52 3.93
N TRP B 275 -25.57 -12.44 3.04
CA TRP B 275 -25.83 -13.86 3.23
C TRP B 275 -25.10 -14.34 4.46
N ASP B 276 -23.81 -14.05 4.53
CA ASP B 276 -23.00 -14.47 5.65
C ASP B 276 -23.49 -13.85 6.98
N LEU B 277 -23.89 -12.57 6.94
CA LEU B 277 -24.36 -11.90 8.15
C LEU B 277 -25.62 -12.57 8.63
N HIS B 278 -26.50 -12.84 7.68
CA HIS B 278 -27.77 -13.50 7.96
C HIS B 278 -27.57 -14.83 8.71
N LYS B 279 -26.67 -15.69 8.21
CA LYS B 279 -26.39 -16.99 8.82
C LYS B 279 -25.86 -16.81 10.24
N ALA B 280 -25.15 -15.71 10.49
CA ALA B 280 -24.60 -15.46 11.82
C ALA B 280 -25.57 -14.78 12.77
N TRP B 281 -26.57 -14.12 12.19
CA TRP B 281 -27.60 -13.38 12.94
C TRP B 281 -28.95 -13.84 12.34
N PRO B 282 -29.45 -15.00 12.79
CA PRO B 282 -30.72 -15.58 12.32
C PRO B 282 -31.99 -14.78 12.58
N LYS B 283 -32.04 -14.07 13.71
CA LYS B 283 -33.21 -13.29 14.07
C LYS B 283 -33.58 -12.16 13.09
N ALA B 284 -32.65 -11.74 12.26
CA ALA B 284 -32.95 -10.68 11.31
C ALA B 284 -33.60 -11.23 10.07
N GLN B 285 -34.36 -10.37 9.39
CA GLN B 285 -35.08 -10.73 8.17
C GLN B 285 -34.26 -10.34 6.96
N LEU B 286 -33.84 -11.32 6.18
CA LEU B 286 -33.10 -10.98 4.98
C LEU B 286 -34.15 -10.70 3.92
N GLN B 287 -34.06 -9.54 3.29
CA GLN B 287 -34.99 -9.14 2.24
C GLN B 287 -34.14 -8.76 1.06
N ILE B 288 -34.05 -9.67 0.09
CA ILE B 288 -33.26 -9.47 -1.12
C ILE B 288 -34.09 -8.76 -2.18
N SER B 289 -33.51 -7.74 -2.80
CA SER B 289 -34.19 -7.01 -3.84
C SER B 289 -33.85 -7.70 -5.15
N PRO B 290 -34.86 -8.24 -5.81
CA PRO B 290 -34.67 -8.94 -7.08
C PRO B 290 -33.89 -8.22 -8.16
N ALA B 291 -34.22 -6.96 -8.41
CA ALA B 291 -33.54 -6.23 -9.47
C ALA B 291 -33.01 -4.84 -9.12
N SER B 292 -32.30 -4.76 -8.00
CA SER B 292 -31.72 -3.50 -7.54
C SER B 292 -30.21 -3.63 -7.24
N GLY B 293 -29.53 -2.48 -7.13
CA GLY B 293 -28.11 -2.43 -6.84
C GLY B 293 -27.74 -2.07 -5.40
N HIS B 294 -26.66 -1.30 -5.26
CA HIS B 294 -26.20 -0.91 -3.92
C HIS B 294 -27.04 0.14 -3.19
N SER B 295 -27.24 1.28 -3.84
CA SER B 295 -27.96 2.40 -3.26
C SER B 295 -29.27 2.11 -2.52
N ALA B 296 -29.52 2.88 -1.46
CA ALA B 296 -30.75 2.73 -0.66
C ALA B 296 -31.95 3.35 -1.37
N PHE B 297 -31.71 4.15 -2.40
CA PHE B 297 -32.75 4.82 -3.15
C PHE B 297 -33.17 4.11 -4.43
N GLU B 298 -33.02 2.78 -4.42
CA GLU B 298 -33.47 1.98 -5.54
C GLU B 298 -34.91 1.70 -5.04
N PRO B 299 -35.92 1.82 -5.93
CA PRO B 299 -37.34 1.58 -5.61
C PRO B 299 -37.59 0.41 -4.64
N GLU B 300 -37.08 -0.77 -4.99
CA GLU B 300 -37.25 -1.97 -4.16
C GLU B 300 -36.59 -1.86 -2.80
N ASN B 301 -35.44 -1.18 -2.74
CA ASN B 301 -34.71 -0.98 -1.48
C ASN B 301 -35.40 0.05 -0.61
N VAL B 302 -36.00 1.04 -1.26
CA VAL B 302 -36.73 2.08 -0.58
C VAL B 302 -37.99 1.45 0.03
N ASP B 303 -38.68 0.66 -0.81
CA ASP B 303 -39.89 -0.04 -0.39
C ASP B 303 -39.60 -0.84 0.87
N ALA B 304 -38.67 -1.78 0.74
CA ALA B 304 -38.25 -2.66 1.82
C ALA B 304 -37.90 -1.92 3.10
N LEU B 305 -37.13 -0.85 2.96
CA LEU B 305 -36.69 -0.06 4.11
C LEU B 305 -37.83 0.67 4.80
N VAL B 306 -38.66 1.38 4.02
CA VAL B 306 -39.79 2.11 4.60
C VAL B 306 -40.72 1.13 5.31
N ARG B 307 -40.95 -0.03 4.71
CA ARG B 307 -41.79 -1.04 5.34
C ARG B 307 -41.16 -1.44 6.69
N ALA B 308 -39.85 -1.67 6.66
CA ALA B 308 -39.08 -2.07 7.84
C ALA B 308 -39.27 -1.05 8.96
N THR B 309 -39.06 0.22 8.62
CA THR B 309 -39.19 1.33 9.54
C THR B 309 -40.60 1.38 10.16
N ASP B 310 -41.62 1.32 9.31
CA ASP B 310 -43.00 1.33 9.78
C ASP B 310 -43.26 0.15 10.72
N GLY B 311 -42.71 -1.02 10.37
CA GLY B 311 -42.87 -2.21 11.17
C GLY B 311 -42.41 -2.08 12.61
N PHE B 312 -41.41 -1.24 12.85
CA PHE B 312 -40.90 -1.06 14.21
C PHE B 312 -41.47 0.15 14.91
N ALA B 313 -42.04 1.08 14.15
CA ALA B 313 -42.60 2.31 14.70
C ALA B 313 -43.63 2.12 15.80
#